data_3OX0
#
_entry.id   3OX0
#
_cell.length_a   84.281
_cell.length_b   84.281
_cell.length_c   199.907
_cell.angle_alpha   90.00
_cell.angle_beta   90.00
_cell.angle_gamma   120.00
#
_symmetry.space_group_name_H-M   'P 32 2 1'
#
loop_
_entity.id
_entity.type
_entity.pdbx_description
1 polymer 'Domain II of glycine riboswitch'
2 polymer 'Domain II of glycine riboswitch'
3 non-polymer 'MAGNESIUM ION'
4 water water
#
loop_
_entity_poly.entity_id
_entity_poly.type
_entity_poly.pdbx_seq_one_letter_code
_entity_poly.pdbx_strand_id
1 'polyribonucleotide'
;(GDP)GCUCUGGAGAGAACCGUUUAAUCGGUCGCCGAAGGAGCAAGCUCUGCGGAAACGCAGAGUGAAACUCUCAGGCAA
AAGGACAGAGU(CCC)
;
A
2 'polyribonucleotide'
;GGCUCUGGAGAGAACCGUUUAAUCGGUCGCCGAAGGAGCAAGCUCUGCGGAAACGCAGAGUGAAACUCUCAGGCAAAAGG
ACAGAGU(CCC)
;
B
#